data_4UVG
#
_entry.id   4UVG
#
_cell.length_a   96.229
_cell.length_b   96.229
_cell.length_c   139.841
_cell.angle_alpha   90.00
_cell.angle_beta   90.00
_cell.angle_gamma   120.00
#
_symmetry.space_group_name_H-M   'P 62 2 2'
#
loop_
_entity.id
_entity.type
_entity.pdbx_description
1 polymer 'ENOYL-[ACYL-CARRIER-PROTEIN] REDUCTASE [NADH]'
2 non-polymer NICOTINAMIDE-ADENINE-DINUCLEOTIDE
3 non-polymer 'MAGNESIUM ION'
4 non-polymer 'PENTAETHYLENE GLYCOL'
5 non-polymer 5-[(4,6-dimethylpyrimidin-2-yl)sulfanylmethyl]isoxazole-3-carboxamide
6 water water
#
_entity_poly.entity_id   1
_entity_poly.type   'polypeptide(L)'
_entity_poly.pdbx_seq_one_letter_code
;MTGLLDGKRILVSGIITDSSIAFHIARVAQEQGAQLVLTGFDRLRLIQRITDRLPAKAPLLELDVQNEEHLASLAGRVTE
AIGAGNKLDGVVHSIGFMPQTGMGINPFFDAPYADVSKGIHISAYSYASMAKALLPIMNPGGSIVGMDFDPSRAMPAYNW
MTVAKSALESVNRFVAREAGKYGVRSNLVAAGPIRTLAMSAIVGGALGEEAGAQIQLLEEGWDQRAPIGWNMKDATPVAK
TVCALLSDWLPATTGDIIYADGGAHTQLL
;
_entity_poly.pdbx_strand_id   A
#
loop_
_chem_comp.id
_chem_comp.type
_chem_comp.name
_chem_comp.formula
1PE non-polymer 'PENTAETHYLENE GLYCOL' 'C10 H22 O6'
A0C non-polymer 5-[(4,6-dimethylpyrimidin-2-yl)sulfanylmethyl]isoxazole-3-carboxamide 'C11 H12 N4 O2 S'
MG non-polymer 'MAGNESIUM ION' 'Mg 2'
NAD non-polymer NICOTINAMIDE-ADENINE-DINUCLEOTIDE 'C21 H27 N7 O14 P2'
#
# COMPACT_ATOMS: atom_id res chain seq x y z
N THR A 2 12.34 16.78 -15.71
CA THR A 2 11.15 16.39 -16.47
C THR A 2 10.63 14.98 -16.19
N GLY A 3 10.56 14.68 -14.92
CA GLY A 3 9.99 13.41 -14.50
C GLY A 3 8.49 13.54 -14.47
N LEU A 4 7.83 12.40 -14.46
CA LEU A 4 6.38 12.29 -14.37
C LEU A 4 5.81 13.05 -13.17
N LEU A 5 6.58 13.12 -12.06
CA LEU A 5 6.13 13.74 -10.80
C LEU A 5 6.94 14.96 -10.38
N ASP A 6 7.56 15.65 -11.35
CA ASP A 6 8.35 16.85 -11.09
C ASP A 6 7.58 17.90 -10.28
N GLY A 7 8.17 18.33 -9.19
CA GLY A 7 7.63 19.36 -8.31
C GLY A 7 6.58 18.86 -7.32
N LYS A 8 6.22 17.56 -7.40
CA LYS A 8 5.21 17.03 -6.48
C LYS A 8 5.81 16.64 -5.14
N ARG A 9 5.09 16.93 -4.06
CA ARG A 9 5.45 16.59 -2.68
C ARG A 9 4.55 15.43 -2.30
N ILE A 10 5.18 14.28 -2.00
CA ILE A 10 4.44 13.03 -1.77
C ILE A 10 4.87 12.32 -0.50
N LEU A 11 3.89 11.92 0.30
CA LEU A 11 4.15 11.17 1.50
C LEU A 11 4.07 9.68 1.12
N VAL A 12 5.08 8.90 1.56
CA VAL A 12 5.09 7.45 1.30
C VAL A 12 5.26 6.70 2.63
N SER A 13 4.26 5.92 2.98
CA SER A 13 4.30 5.08 4.17
C SER A 13 4.66 3.63 3.77
N GLY A 14 4.92 2.76 4.74
CA GLY A 14 5.06 1.34 4.47
C GLY A 14 6.42 0.77 4.13
N ILE A 15 7.49 1.56 4.22
CA ILE A 15 8.81 0.95 4.00
C ILE A 15 9.23 0.26 5.29
N ILE A 16 9.63 -1.02 5.21
CA ILE A 16 10.19 -1.80 6.33
C ILE A 16 11.51 -2.47 5.88
N THR A 17 11.55 -3.01 4.64
CA THR A 17 12.76 -3.67 4.09
C THR A 17 12.98 -3.14 2.68
N ASP A 18 14.10 -3.52 2.05
CA ASP A 18 14.38 -3.15 0.67
C ASP A 18 13.49 -3.93 -0.31
N SER A 19 12.74 -4.93 0.18
CA SER A 19 11.77 -5.67 -0.65
C SER A 19 10.32 -5.15 -0.47
N SER A 20 10.11 -4.14 0.42
CA SER A 20 8.77 -3.56 0.60
C SER A 20 8.34 -2.98 -0.72
N ILE A 21 7.05 -3.14 -1.07
CA ILE A 21 6.52 -2.51 -2.29
C ILE A 21 6.72 -0.96 -2.19
N ALA A 22 6.55 -0.40 -0.99
CA ALA A 22 6.75 1.04 -0.76
C ALA A 22 8.17 1.53 -1.05
N PHE A 23 9.17 0.65 -0.86
CA PHE A 23 10.55 1.06 -1.18
C PHE A 23 10.66 1.36 -2.69
N HIS A 24 10.06 0.48 -3.50
CA HIS A 24 10.09 0.63 -4.96
C HIS A 24 9.23 1.79 -5.43
N ILE A 25 8.07 2.00 -4.77
CA ILE A 25 7.22 3.17 -5.06
C ILE A 25 8.05 4.43 -4.77
N ALA A 26 8.70 4.49 -3.57
CA ALA A 26 9.54 5.64 -3.20
C ALA A 26 10.66 5.86 -4.21
N ARG A 27 11.38 4.77 -4.61
CA ARG A 27 12.48 4.86 -5.58
C ARG A 27 12.00 5.42 -6.93
N VAL A 28 10.92 4.85 -7.50
CA VAL A 28 10.40 5.32 -8.80
C VAL A 28 9.90 6.77 -8.73
N ALA A 29 9.17 7.13 -7.65
CA ALA A 29 8.67 8.50 -7.44
C ALA A 29 9.85 9.50 -7.44
N GLN A 30 10.95 9.15 -6.75
CA GLN A 30 12.16 10.00 -6.72
C GLN A 30 12.84 10.07 -8.09
N GLU A 31 12.91 8.93 -8.82
CA GLU A 31 13.49 8.89 -10.18
C GLU A 31 12.72 9.83 -11.09
N GLN A 32 11.41 9.99 -10.79
CA GLN A 32 10.45 10.84 -11.51
C GLN A 32 10.30 12.27 -10.99
N GLY A 33 11.23 12.72 -10.17
CA GLY A 33 11.26 14.11 -9.69
C GLY A 33 10.45 14.48 -8.46
N ALA A 34 9.75 13.51 -7.84
CA ALA A 34 8.95 13.81 -6.64
C ALA A 34 9.85 14.06 -5.42
N GLN A 35 9.39 14.95 -4.52
CA GLN A 35 10.08 15.26 -3.26
C GLN A 35 9.30 14.48 -2.21
N LEU A 36 9.97 13.55 -1.50
CA LEU A 36 9.24 12.69 -0.58
C LEU A 36 9.37 13.03 0.89
N VAL A 37 8.36 12.60 1.66
CA VAL A 37 8.32 12.58 3.12
C VAL A 37 7.95 11.10 3.37
N LEU A 38 8.73 10.42 4.19
CA LEU A 38 8.46 9.01 4.48
C LEU A 38 7.91 8.84 5.88
N THR A 39 7.06 7.83 6.07
CA THR A 39 6.57 7.46 7.40
C THR A 39 6.95 6.00 7.64
N GLY A 40 7.30 5.74 8.89
CA GLY A 40 7.73 4.43 9.33
C GLY A 40 7.14 4.00 10.65
N PHE A 41 6.95 2.70 10.79
CA PHE A 41 6.39 2.11 11.98
C PHE A 41 7.43 1.40 12.83
N ASP A 42 7.52 1.84 14.10
CA ASP A 42 8.25 1.22 15.20
C ASP A 42 9.78 1.11 15.12
N ARG A 43 10.31 0.62 14.01
CA ARG A 43 11.76 0.38 13.87
C ARG A 43 12.38 1.47 13.01
N LEU A 44 12.40 2.70 13.55
CA LEU A 44 12.87 3.87 12.83
C LEU A 44 14.33 3.82 12.43
N ARG A 45 15.20 3.27 13.30
CA ARG A 45 16.64 3.15 12.98
C ARG A 45 16.83 2.23 11.77
N LEU A 46 16.17 1.07 11.77
CA LEU A 46 16.18 0.14 10.64
C LEU A 46 15.67 0.83 9.37
N ILE A 47 14.49 1.47 9.44
CA ILE A 47 13.87 2.14 8.27
C ILE A 47 14.78 3.21 7.69
N GLN A 48 15.40 4.03 8.55
CA GLN A 48 16.36 5.05 8.11
C GLN A 48 17.53 4.43 7.33
N ARG A 49 18.12 3.34 7.85
CA ARG A 49 19.24 2.66 7.18
C ARG A 49 18.79 2.10 5.81
N ILE A 50 17.57 1.55 5.74
CA ILE A 50 16.98 1.04 4.50
C ILE A 50 16.80 2.18 3.50
N THR A 51 16.18 3.31 3.94
CA THR A 51 15.85 4.46 3.09
C THR A 51 17.06 5.24 2.62
N ASP A 52 18.21 5.07 3.31
CA ASP A 52 19.48 5.68 2.91
C ASP A 52 19.87 5.20 1.49
N ARG A 53 19.29 4.08 1.03
CA ARG A 53 19.55 3.49 -0.29
C ARG A 53 18.69 4.10 -1.40
N LEU A 54 17.72 4.96 -1.03
CA LEU A 54 16.87 5.62 -2.01
C LEU A 54 17.68 6.65 -2.82
N PRO A 55 17.29 6.95 -4.10
CA PRO A 55 18.08 7.93 -4.90
C PRO A 55 18.33 9.28 -4.23
N ALA A 56 17.40 9.74 -3.38
CA ALA A 56 17.52 11.01 -2.69
C ALA A 56 17.14 10.93 -1.22
N LYS A 57 17.64 11.89 -0.45
CA LYS A 57 17.36 12.02 0.98
C LYS A 57 15.91 12.43 1.18
N ALA A 58 15.29 11.90 2.22
CA ALA A 58 13.90 12.21 2.50
C ALA A 58 13.69 12.15 3.98
N PRO A 59 12.99 13.16 4.54
CA PRO A 59 12.70 13.13 5.97
C PRO A 59 11.84 11.92 6.30
N LEU A 60 12.12 11.28 7.44
CA LEU A 60 11.36 10.13 7.89
C LEU A 60 10.62 10.49 9.17
N LEU A 61 9.31 10.24 9.19
CA LEU A 61 8.47 10.52 10.34
C LEU A 61 7.92 9.24 10.90
N GLU A 62 7.79 9.16 12.22
CA GLU A 62 7.20 7.98 12.84
C GLU A 62 5.68 8.01 12.68
N LEU A 63 5.09 6.88 12.27
CA LEU A 63 3.65 6.77 12.19
C LEU A 63 3.17 5.36 12.48
N ASP A 64 2.59 5.17 13.66
CA ASP A 64 1.92 3.94 14.04
C ASP A 64 0.44 4.29 13.77
N VAL A 65 -0.19 3.67 12.76
CA VAL A 65 -1.60 3.99 12.43
C VAL A 65 -2.62 3.65 13.53
N GLN A 66 -2.20 2.86 14.52
CA GLN A 66 -3.07 2.48 15.63
C GLN A 66 -2.96 3.53 16.75
N ASN A 67 -2.03 4.47 16.62
CA ASN A 67 -1.76 5.48 17.63
C ASN A 67 -2.44 6.81 17.25
N GLU A 68 -3.50 7.18 17.98
CA GLU A 68 -4.26 8.40 17.72
C GLU A 68 -3.42 9.67 17.86
N GLU A 69 -2.43 9.68 18.76
CA GLU A 69 -1.54 10.84 18.94
C GLU A 69 -0.66 11.04 17.70
N HIS A 70 -0.13 9.93 17.12
CA HIS A 70 0.68 10.01 15.89
C HIS A 70 -0.16 10.59 14.76
N LEU A 71 -1.42 10.13 14.64
CA LEU A 71 -2.35 10.62 13.60
C LEU A 71 -2.72 12.10 13.81
N ALA A 72 -2.94 12.51 15.07
CA ALA A 72 -3.34 13.88 15.41
C ALA A 72 -2.22 14.89 15.18
N SER A 73 -0.96 14.46 15.35
CA SER A 73 0.21 15.35 15.14
C SER A 73 0.79 15.25 13.70
N LEU A 74 0.34 14.25 12.92
CA LEU A 74 0.90 13.97 11.58
C LEU A 74 0.98 15.15 10.63
N ALA A 75 -0.15 15.87 10.38
CA ALA A 75 -0.16 17.00 9.44
C ALA A 75 0.86 18.09 9.85
N GLY A 76 0.95 18.39 11.15
CA GLY A 76 1.90 19.36 11.69
C GLY A 76 3.34 18.95 11.45
N ARG A 77 3.63 17.66 11.68
CA ARG A 77 4.96 17.10 11.49
C ARG A 77 5.36 17.09 10.00
N VAL A 78 4.41 16.78 9.10
CA VAL A 78 4.68 16.82 7.65
C VAL A 78 4.94 18.29 7.21
N THR A 79 4.12 19.24 7.69
CA THR A 79 4.26 20.66 7.35
C THR A 79 5.64 21.16 7.77
N GLU A 80 6.09 20.76 8.96
CA GLU A 80 7.42 21.12 9.44
C GLU A 80 8.50 20.54 8.52
N ALA A 81 8.33 19.28 8.06
CA ALA A 81 9.27 18.63 7.16
C ALA A 81 9.29 19.25 5.76
N ILE A 82 8.13 19.71 5.25
CA ILE A 82 8.08 20.29 3.90
C ILE A 82 8.16 21.82 3.84
N GLY A 83 7.98 22.46 4.98
CA GLY A 83 8.01 23.92 5.11
C GLY A 83 6.60 24.49 5.11
N ALA A 84 6.35 25.46 6.01
CA ALA A 84 5.08 26.17 6.13
C ALA A 84 4.70 26.78 4.77
N GLY A 85 3.42 26.71 4.42
CA GLY A 85 2.94 27.24 3.14
C GLY A 85 2.97 26.22 2.03
N ASN A 86 3.63 25.08 2.26
CA ASN A 86 3.69 23.98 1.30
C ASN A 86 2.73 22.90 1.72
N LYS A 87 2.12 22.24 0.73
CA LYS A 87 1.19 21.14 0.97
C LYS A 87 1.61 19.91 0.16
N LEU A 88 1.03 18.74 0.47
CA LEU A 88 1.30 17.50 -0.26
C LEU A 88 0.44 17.43 -1.52
N ASP A 89 0.99 16.82 -2.58
CA ASP A 89 0.26 16.53 -3.81
C ASP A 89 -0.10 15.07 -3.83
N GLY A 90 0.58 14.28 -3.01
CA GLY A 90 0.34 12.85 -3.00
C GLY A 90 0.53 12.20 -1.66
N VAL A 91 -0.18 11.09 -1.48
CA VAL A 91 -0.13 10.28 -0.27
C VAL A 91 -0.19 8.79 -0.70
N VAL A 92 0.76 7.99 -0.24
CA VAL A 92 0.80 6.56 -0.52
C VAL A 92 0.61 5.79 0.76
N HIS A 93 -0.47 5.00 0.81
CA HIS A 93 -0.75 4.07 1.90
C HIS A 93 -0.26 2.70 1.40
N SER A 94 0.81 2.16 2.01
CA SER A 94 1.35 0.85 1.62
C SER A 94 1.55 0.08 2.93
N ILE A 95 0.45 0.00 3.68
CA ILE A 95 0.40 -0.59 5.01
C ILE A 95 -0.57 -1.75 5.06
N GLY A 96 -0.12 -2.85 5.61
CA GLY A 96 -0.96 -4.03 5.75
C GLY A 96 -0.38 -4.93 6.81
N PHE A 97 -1.27 -5.54 7.58
CA PHE A 97 -0.90 -6.48 8.64
C PHE A 97 -2.08 -7.35 9.01
N MET A 98 -1.81 -8.62 9.24
CA MET A 98 -2.83 -9.54 9.76
C MET A 98 -2.10 -10.50 10.68
N PRO A 99 -2.47 -10.56 12.00
CA PRO A 99 -1.81 -11.50 12.90
C PRO A 99 -1.83 -12.92 12.32
N GLN A 100 -0.82 -13.73 12.67
CA GLN A 100 -0.63 -15.12 12.18
C GLN A 100 -1.89 -15.99 12.28
N THR A 101 -2.72 -15.76 13.29
CA THR A 101 -3.96 -16.51 13.47
C THR A 101 -4.97 -16.25 12.33
N GLY A 102 -4.88 -15.08 11.70
CA GLY A 102 -5.77 -14.65 10.61
C GLY A 102 -5.32 -15.01 9.19
N MET A 103 -4.12 -15.56 9.04
CA MET A 103 -3.57 -16.00 7.74
C MET A 103 -2.95 -17.40 7.91
N GLY A 104 -2.63 -18.08 6.81
CA GLY A 104 -1.98 -19.38 6.86
C GLY A 104 -2.81 -20.59 7.21
N ILE A 105 -2.16 -21.64 7.79
CA ILE A 105 -2.77 -22.94 8.13
C ILE A 105 -3.72 -22.90 9.32
N ASN A 106 -3.62 -21.85 10.16
CA ASN A 106 -4.56 -21.73 11.28
C ASN A 106 -5.95 -21.70 10.63
N PRO A 107 -6.86 -22.63 10.98
CA PRO A 107 -8.19 -22.63 10.33
C PRO A 107 -8.86 -21.25 10.39
N PHE A 108 -9.53 -20.84 9.29
CA PHE A 108 -10.22 -19.56 9.16
C PHE A 108 -11.13 -19.25 10.39
N PHE A 109 -11.84 -20.27 10.88
CA PHE A 109 -12.74 -20.15 12.03
C PHE A 109 -12.01 -19.93 13.37
N ASP A 110 -10.69 -20.24 13.40
CA ASP A 110 -9.93 -20.17 14.64
C ASP A 110 -9.25 -18.84 14.90
N ALA A 111 -9.44 -17.86 14.01
CA ALA A 111 -8.87 -16.54 14.25
C ALA A 111 -9.73 -15.80 15.29
N PRO A 112 -9.16 -15.44 16.47
CA PRO A 112 -9.97 -14.70 17.47
C PRO A 112 -10.27 -13.30 16.95
N TYR A 113 -11.43 -12.73 17.34
CA TYR A 113 -11.78 -11.40 16.82
C TYR A 113 -10.75 -10.29 17.13
N ALA A 114 -10.12 -10.33 18.32
CA ALA A 114 -9.13 -9.31 18.68
C ALA A 114 -8.04 -9.24 17.59
N ASP A 115 -7.62 -10.40 17.08
CA ASP A 115 -6.60 -10.48 16.02
C ASP A 115 -7.13 -9.94 14.70
N VAL A 116 -8.32 -10.36 14.29
CA VAL A 116 -8.95 -9.90 13.05
C VAL A 116 -9.12 -8.36 13.09
N SER A 117 -9.60 -7.85 14.24
CA SER A 117 -9.86 -6.42 14.43
C SER A 117 -8.56 -5.60 14.28
N LYS A 118 -7.44 -6.11 14.85
CA LYS A 118 -6.13 -5.46 14.72
C LYS A 118 -5.73 -5.38 13.24
N GLY A 119 -5.91 -6.49 12.53
CA GLY A 119 -5.58 -6.57 11.11
C GLY A 119 -6.42 -5.63 10.26
N ILE A 120 -7.72 -5.56 10.57
CA ILE A 120 -8.65 -4.66 9.87
C ILE A 120 -8.32 -3.18 10.22
N HIS A 121 -7.92 -2.92 11.47
CA HIS A 121 -7.52 -1.57 11.89
C HIS A 121 -6.36 -1.10 11.01
N ILE A 122 -5.29 -1.91 10.96
CA ILE A 122 -4.08 -1.57 10.23
C ILE A 122 -4.26 -1.56 8.72
N SER A 123 -4.88 -2.62 8.19
CA SER A 123 -5.02 -2.82 6.74
C SER A 123 -6.15 -2.05 6.04
N ALA A 124 -7.23 -1.69 6.76
CA ALA A 124 -8.38 -1.03 6.12
C ALA A 124 -8.77 0.30 6.73
N TYR A 125 -9.07 0.31 8.05
CA TYR A 125 -9.49 1.55 8.72
C TYR A 125 -8.43 2.65 8.60
N SER A 126 -7.14 2.28 8.69
CA SER A 126 -6.02 3.24 8.58
C SER A 126 -5.99 3.98 7.25
N TYR A 127 -6.58 3.43 6.18
CA TYR A 127 -6.64 4.18 4.92
C TYR A 127 -7.50 5.44 5.14
N ALA A 128 -8.63 5.32 5.88
CA ALA A 128 -9.49 6.45 6.24
C ALA A 128 -8.74 7.36 7.25
N SER A 129 -8.04 6.76 8.24
CA SER A 129 -7.28 7.53 9.26
C SER A 129 -6.26 8.45 8.59
N MET A 130 -5.52 7.92 7.62
CA MET A 130 -4.47 8.71 6.95
C MET A 130 -5.06 9.82 6.12
N ALA A 131 -6.17 9.55 5.41
CA ALA A 131 -6.84 10.55 4.58
C ALA A 131 -7.39 11.66 5.47
N LYS A 132 -7.98 11.32 6.62
CA LYS A 132 -8.48 12.33 7.56
C LYS A 132 -7.34 13.27 8.02
N ALA A 133 -6.21 12.69 8.39
CA ALA A 133 -5.06 13.46 8.86
C ALA A 133 -4.43 14.31 7.76
N LEU A 134 -4.36 13.77 6.52
CA LEU A 134 -3.63 14.44 5.44
C LEU A 134 -4.39 15.31 4.47
N LEU A 135 -5.69 15.05 4.23
CA LEU A 135 -6.49 15.90 3.35
C LEU A 135 -6.40 17.41 3.67
N PRO A 136 -6.42 17.84 4.96
CA PRO A 136 -6.29 19.29 5.25
C PRO A 136 -4.95 19.89 4.80
N ILE A 137 -3.95 19.05 4.47
CA ILE A 137 -2.66 19.53 3.99
C ILE A 137 -2.34 19.02 2.57
N MET A 138 -3.40 18.76 1.78
CA MET A 138 -3.23 18.34 0.38
C MET A 138 -3.75 19.40 -0.57
N ASN A 139 -3.06 19.57 -1.69
CA ASN A 139 -3.40 20.52 -2.73
C ASN A 139 -4.47 19.98 -3.66
N PRO A 140 -5.31 20.86 -4.28
CA PRO A 140 -6.28 20.38 -5.29
C PRO A 140 -5.51 19.70 -6.43
N GLY A 141 -6.09 18.66 -7.01
CA GLY A 141 -5.44 17.88 -8.05
C GLY A 141 -4.59 16.77 -7.45
N GLY A 142 -4.59 16.70 -6.12
CA GLY A 142 -3.84 15.73 -5.33
C GLY A 142 -4.33 14.30 -5.48
N SER A 143 -3.53 13.34 -4.98
CA SER A 143 -3.84 11.92 -5.17
C SER A 143 -3.47 11.07 -3.95
N ILE A 144 -4.42 10.27 -3.46
CA ILE A 144 -4.21 9.31 -2.39
C ILE A 144 -4.26 7.90 -3.03
N VAL A 145 -3.22 7.09 -2.81
CA VAL A 145 -3.14 5.75 -3.38
C VAL A 145 -2.89 4.73 -2.25
N GLY A 146 -3.66 3.65 -2.27
CA GLY A 146 -3.51 2.54 -1.33
C GLY A 146 -3.20 1.24 -2.06
N MET A 147 -2.59 0.27 -1.37
CA MET A 147 -2.26 -1.01 -1.97
C MET A 147 -3.30 -2.04 -1.63
N ASP A 148 -3.79 -2.73 -2.66
CA ASP A 148 -4.85 -3.74 -2.57
C ASP A 148 -4.34 -5.09 -3.13
N PHE A 149 -5.01 -6.18 -2.74
CA PHE A 149 -4.76 -7.52 -3.28
C PHE A 149 -6.18 -8.02 -3.54
N ASP A 150 -6.53 -8.16 -4.82
CA ASP A 150 -7.88 -8.51 -5.27
C ASP A 150 -8.59 -9.54 -4.36
N PRO A 151 -9.61 -9.08 -3.58
CA PRO A 151 -10.33 -10.00 -2.68
C PRO A 151 -11.72 -10.38 -3.21
N SER A 152 -11.99 -10.19 -4.52
N SER A 152 -11.99 -10.19 -4.53
CA SER A 152 -13.30 -10.48 -5.14
CA SER A 152 -13.30 -10.47 -5.13
C SER A 152 -13.72 -11.94 -5.01
C SER A 152 -13.72 -11.94 -5.02
N ARG A 153 -12.73 -12.84 -4.95
CA ARG A 153 -12.95 -14.29 -4.78
C ARG A 153 -12.12 -14.77 -3.61
N ALA A 154 -12.65 -15.72 -2.84
CA ALA A 154 -11.86 -16.25 -1.72
C ALA A 154 -10.66 -17.10 -2.26
N MET A 155 -9.61 -17.19 -1.47
CA MET A 155 -8.42 -17.93 -1.86
C MET A 155 -7.84 -18.63 -0.62
N PRO A 156 -7.10 -19.72 -0.81
CA PRO A 156 -6.52 -20.37 0.39
C PRO A 156 -5.48 -19.48 1.05
N ALA A 157 -5.27 -19.70 2.37
CA ALA A 157 -4.25 -19.10 3.23
C ALA A 157 -4.43 -17.63 3.56
N TYR A 158 -4.77 -16.78 2.56
CA TYR A 158 -4.92 -15.35 2.77
C TYR A 158 -6.00 -15.03 3.81
N ASN A 159 -7.06 -15.84 3.84
CA ASN A 159 -8.08 -15.79 4.88
C ASN A 159 -8.52 -14.40 5.30
N TRP A 160 -8.30 -14.00 6.57
CA TRP A 160 -8.77 -12.71 7.05
C TRP A 160 -8.07 -11.51 6.41
N MET A 161 -6.86 -11.70 5.85
CA MET A 161 -6.23 -10.60 5.11
C MET A 161 -7.11 -10.27 3.90
N THR A 162 -7.71 -11.30 3.24
CA THR A 162 -8.61 -11.07 2.09
C THR A 162 -9.85 -10.29 2.56
N VAL A 163 -10.40 -10.66 3.72
CA VAL A 163 -11.56 -9.95 4.31
C VAL A 163 -11.16 -8.47 4.55
N ALA A 164 -9.94 -8.23 5.10
CA ALA A 164 -9.44 -6.86 5.32
C ALA A 164 -9.32 -6.08 4.01
N LYS A 165 -8.92 -6.74 2.90
CA LYS A 165 -8.83 -6.06 1.60
C LYS A 165 -10.21 -5.71 1.06
N SER A 166 -11.19 -6.60 1.27
CA SER A 166 -12.57 -6.30 0.87
C SER A 166 -13.05 -5.06 1.64
N ALA A 167 -12.74 -4.98 2.95
CA ALA A 167 -13.11 -3.81 3.74
C ALA A 167 -12.36 -2.55 3.20
N LEU A 168 -11.07 -2.71 2.86
CA LEU A 168 -10.26 -1.60 2.32
C LEU A 168 -10.85 -1.02 1.02
N GLU A 169 -11.27 -1.88 0.09
CA GLU A 169 -11.88 -1.44 -1.17
C GLU A 169 -13.14 -0.61 -0.89
N SER A 170 -13.93 -1.04 0.12
CA SER A 170 -15.13 -0.30 0.49
C SER A 170 -14.73 1.09 1.09
N VAL A 171 -13.72 1.09 1.98
CA VAL A 171 -13.23 2.31 2.63
C VAL A 171 -12.77 3.30 1.56
N ASN A 172 -12.06 2.80 0.55
CA ASN A 172 -11.55 3.63 -0.55
C ASN A 172 -12.68 4.41 -1.24
N ARG A 173 -13.81 3.74 -1.51
CA ARG A 173 -14.96 4.42 -2.14
C ARG A 173 -15.52 5.56 -1.29
N PHE A 174 -15.51 5.40 0.04
CA PHE A 174 -15.96 6.48 0.92
C PHE A 174 -14.91 7.57 1.05
N VAL A 175 -13.63 7.19 1.13
CA VAL A 175 -12.55 8.19 1.23
C VAL A 175 -12.61 9.09 -0.03
N ALA A 176 -12.91 8.50 -1.20
CA ALA A 176 -13.03 9.27 -2.44
C ALA A 176 -14.08 10.37 -2.30
N ARG A 177 -15.21 10.10 -1.59
CA ARG A 177 -16.27 11.09 -1.42
C ARG A 177 -15.74 12.28 -0.66
N GLU A 178 -14.99 12.03 0.42
CA GLU A 178 -14.43 13.08 1.27
C GLU A 178 -13.30 13.81 0.56
N ALA A 179 -12.41 13.05 -0.10
CA ALA A 179 -11.23 13.58 -0.82
C ALA A 179 -11.66 14.51 -1.95
N GLY A 180 -12.79 14.19 -2.60
CA GLY A 180 -13.36 15.00 -3.68
C GLY A 180 -13.64 16.45 -3.30
N LYS A 181 -13.98 16.69 -2.01
CA LYS A 181 -14.27 18.04 -1.48
C LYS A 181 -13.02 18.91 -1.53
N TYR A 182 -11.83 18.26 -1.54
CA TYR A 182 -10.51 18.92 -1.59
C TYR A 182 -9.93 18.93 -3.01
N GLY A 183 -10.68 18.40 -3.98
CA GLY A 183 -10.18 18.27 -5.34
C GLY A 183 -9.13 17.17 -5.40
N VAL A 184 -9.21 16.20 -4.46
CA VAL A 184 -8.24 15.09 -4.35
C VAL A 184 -8.85 13.75 -4.77
N ARG A 185 -8.07 12.94 -5.49
CA ARG A 185 -8.50 11.59 -5.91
C ARG A 185 -8.04 10.56 -4.88
N SER A 186 -8.77 9.44 -4.79
CA SER A 186 -8.42 8.33 -3.89
C SER A 186 -8.61 7.05 -4.68
N ASN A 187 -7.56 6.22 -4.77
CA ASN A 187 -7.68 4.97 -5.55
C ASN A 187 -6.77 3.92 -4.95
N LEU A 188 -7.00 2.65 -5.31
CA LEU A 188 -6.14 1.57 -4.90
C LEU A 188 -5.49 0.96 -6.10
N VAL A 189 -4.27 0.42 -5.90
CA VAL A 189 -3.59 -0.37 -6.90
C VAL A 189 -3.67 -1.83 -6.39
N ALA A 190 -4.35 -2.69 -7.15
CA ALA A 190 -4.44 -4.12 -6.82
C ALA A 190 -3.26 -4.78 -7.53
N ALA A 191 -2.25 -5.13 -6.74
CA ALA A 191 -1.04 -5.75 -7.26
C ALA A 191 -1.20 -7.25 -7.33
N GLY A 192 -0.47 -7.88 -8.24
CA GLY A 192 -0.31 -9.32 -8.27
C GLY A 192 0.60 -9.70 -7.11
N PRO A 193 0.81 -11.00 -6.79
CA PRO A 193 1.67 -11.35 -5.65
C PRO A 193 3.14 -10.95 -5.84
N ILE A 194 3.72 -10.36 -4.80
CA ILE A 194 5.10 -9.86 -4.84
C ILE A 194 5.90 -10.60 -3.80
N ARG A 195 7.05 -11.13 -4.19
CA ARG A 195 7.91 -11.86 -3.28
C ARG A 195 8.65 -10.95 -2.32
N THR A 196 7.92 -10.42 -1.35
CA THR A 196 8.50 -9.62 -0.27
C THR A 196 9.16 -10.65 0.66
N LEU A 197 9.84 -10.19 1.73
CA LEU A 197 10.45 -11.09 2.70
C LEU A 197 9.38 -12.02 3.32
N ALA A 198 8.24 -11.46 3.75
CA ALA A 198 7.15 -12.25 4.33
C ALA A 198 6.54 -13.26 3.34
N MET A 199 6.34 -12.86 2.07
CA MET A 199 5.80 -13.78 1.07
C MET A 199 6.74 -14.96 0.85
N SER A 200 8.06 -14.71 0.74
CA SER A 200 9.05 -15.77 0.58
C SER A 200 9.01 -16.73 1.79
N ALA A 201 8.90 -16.17 3.00
CA ALA A 201 8.84 -16.95 4.25
C ALA A 201 7.58 -17.82 4.29
N ILE A 202 6.43 -17.27 3.84
CA ILE A 202 5.16 -18.02 3.77
C ILE A 202 5.25 -19.21 2.80
N VAL A 203 5.76 -18.97 1.58
CA VAL A 203 5.98 -20.03 0.57
C VAL A 203 6.94 -21.07 1.14
N GLY A 204 7.91 -20.60 1.94
CA GLY A 204 8.87 -21.46 2.60
C GLY A 204 8.29 -22.24 3.76
N GLY A 205 7.02 -21.98 4.10
CA GLY A 205 6.32 -22.70 5.17
C GLY A 205 6.25 -22.05 6.54
N ALA A 206 6.54 -20.74 6.66
CA ALA A 206 6.51 -19.99 7.93
C ALA A 206 5.15 -20.01 8.61
N LEU A 207 4.07 -20.14 7.83
CA LEU A 207 2.71 -20.19 8.36
C LEU A 207 2.05 -21.55 8.09
N GLY A 208 2.87 -22.59 8.01
CA GLY A 208 2.45 -23.97 7.77
C GLY A 208 2.69 -24.43 6.35
N GLU A 209 2.87 -25.76 6.17
CA GLU A 209 3.17 -26.41 4.88
C GLU A 209 2.07 -26.26 3.84
N GLU A 210 0.84 -26.58 4.22
CA GLU A 210 -0.33 -26.49 3.36
C GLU A 210 -0.51 -25.07 2.81
N ALA A 211 -0.38 -24.06 3.67
CA ALA A 211 -0.51 -22.64 3.28
C ALA A 211 0.58 -22.24 2.29
N GLY A 212 1.82 -22.69 2.54
CA GLY A 212 2.94 -22.42 1.64
C GLY A 212 2.72 -23.01 0.28
N ALA A 213 2.29 -24.29 0.25
CA ALA A 213 1.99 -25.01 -0.99
C ALA A 213 0.86 -24.32 -1.79
N GLN A 214 -0.17 -23.86 -1.09
CA GLN A 214 -1.32 -23.18 -1.67
C GLN A 214 -0.94 -21.84 -2.29
N ILE A 215 -0.09 -21.06 -1.61
CA ILE A 215 0.37 -19.75 -2.10
C ILE A 215 1.30 -19.93 -3.27
N GLN A 216 2.12 -21.00 -3.26
CA GLN A 216 2.99 -21.29 -4.39
C GLN A 216 2.15 -21.64 -5.62
N LEU A 217 1.04 -22.43 -5.44
CA LEU A 217 0.16 -22.74 -6.58
C LEU A 217 -0.51 -21.46 -7.13
N LEU A 218 -0.94 -20.58 -6.22
CA LEU A 218 -1.58 -19.30 -6.58
C LEU A 218 -0.63 -18.42 -7.43
N GLU A 219 0.65 -18.35 -7.01
CA GLU A 219 1.70 -17.60 -7.74
C GLU A 219 1.90 -18.14 -9.14
N GLU A 220 1.99 -19.47 -9.26
CA GLU A 220 2.20 -20.09 -10.55
C GLU A 220 1.03 -19.87 -11.49
N GLY A 221 -0.18 -20.04 -10.97
CA GLY A 221 -1.42 -19.82 -11.73
C GLY A 221 -1.52 -18.38 -12.22
N TRP A 222 -1.08 -17.43 -11.38
CA TRP A 222 -1.13 -15.99 -11.67
C TRP A 222 -0.32 -15.67 -12.92
N ASP A 223 0.93 -16.15 -12.99
CA ASP A 223 1.80 -15.91 -14.17
C ASP A 223 1.21 -16.60 -15.40
N GLN A 224 0.66 -17.82 -15.22
CA GLN A 224 0.05 -18.60 -16.32
C GLN A 224 -1.15 -17.86 -16.93
N ARG A 225 -2.01 -17.27 -16.08
CA ARG A 225 -3.23 -16.51 -16.47
C ARG A 225 -2.92 -15.14 -17.07
N ALA A 226 -1.88 -14.47 -16.57
CA ALA A 226 -1.52 -13.11 -17.00
C ALA A 226 -1.18 -13.05 -18.49
N PRO A 227 -1.96 -12.34 -19.36
CA PRO A 227 -1.62 -12.34 -20.81
C PRO A 227 -0.23 -11.77 -21.12
N ILE A 228 0.27 -10.89 -20.26
CA ILE A 228 1.64 -10.34 -20.42
C ILE A 228 2.62 -10.93 -19.39
N GLY A 229 2.21 -12.01 -18.73
CA GLY A 229 3.05 -12.63 -17.71
C GLY A 229 3.05 -11.82 -16.42
N TRP A 230 3.54 -12.43 -15.36
CA TRP A 230 3.63 -11.79 -14.05
C TRP A 230 4.93 -12.20 -13.38
N ASN A 231 5.76 -11.23 -13.06
CA ASN A 231 7.03 -11.50 -12.39
C ASN A 231 6.92 -11.06 -10.93
N MET A 232 6.66 -12.03 -10.06
CA MET A 232 6.51 -11.78 -8.61
C MET A 232 7.81 -11.21 -7.96
N LYS A 233 8.96 -11.34 -8.63
CA LYS A 233 10.25 -10.86 -8.09
C LYS A 233 10.50 -9.40 -8.50
N ASP A 234 9.55 -8.79 -9.22
CA ASP A 234 9.74 -7.44 -9.73
C ASP A 234 8.62 -6.49 -9.31
N ALA A 235 8.87 -5.64 -8.31
CA ALA A 235 7.85 -4.69 -7.87
C ALA A 235 7.79 -3.44 -8.77
N THR A 236 8.76 -3.26 -9.69
CA THR A 236 8.79 -2.06 -10.54
C THR A 236 7.46 -1.77 -11.30
N PRO A 237 6.82 -2.77 -11.96
CA PRO A 237 5.54 -2.48 -12.65
C PRO A 237 4.44 -1.96 -11.71
N VAL A 238 4.44 -2.44 -10.46
CA VAL A 238 3.49 -1.99 -9.43
C VAL A 238 3.83 -0.55 -9.04
N ALA A 239 5.12 -0.26 -8.80
CA ALA A 239 5.59 1.07 -8.39
C ALA A 239 5.25 2.11 -9.48
N LYS A 240 5.44 1.74 -10.76
CA LYS A 240 5.14 2.61 -11.89
C LYS A 240 3.65 2.95 -11.94
N THR A 241 2.80 1.96 -11.67
CA THR A 241 1.34 2.11 -11.66
C THR A 241 0.91 3.08 -10.57
N VAL A 242 1.51 2.96 -9.38
CA VAL A 242 1.23 3.88 -8.26
C VAL A 242 1.59 5.31 -8.69
N CYS A 243 2.78 5.47 -9.32
CA CYS A 243 3.18 6.78 -9.83
C CYS A 243 2.23 7.31 -10.91
N ALA A 244 1.69 6.41 -11.77
CA ALA A 244 0.69 6.82 -12.77
C ALA A 244 -0.49 7.50 -12.06
N LEU A 245 -0.97 6.89 -10.95
CA LEU A 245 -2.08 7.45 -10.17
C LEU A 245 -1.69 8.73 -9.45
N LEU A 246 -0.40 8.86 -9.05
CA LEU A 246 0.06 10.09 -8.36
C LEU A 246 0.22 11.25 -9.32
N SER A 247 0.32 10.96 -10.62
CA SER A 247 0.53 11.96 -11.67
C SER A 247 -0.77 12.64 -12.04
N ASP A 248 -0.70 13.58 -12.99
CA ASP A 248 -1.84 14.34 -13.50
C ASP A 248 -2.51 13.57 -14.66
N TRP A 249 -2.05 12.32 -14.94
CA TRP A 249 -2.51 11.54 -16.10
C TRP A 249 -3.76 10.69 -15.96
N LEU A 250 -4.30 10.57 -14.74
CA LEU A 250 -5.57 9.85 -14.56
C LEU A 250 -6.47 10.80 -13.74
N PRO A 251 -6.80 11.99 -14.31
CA PRO A 251 -7.48 13.02 -13.51
C PRO A 251 -8.96 12.79 -13.25
N ALA A 252 -9.58 11.81 -13.91
CA ALA A 252 -11.02 11.57 -13.78
C ALA A 252 -11.30 10.20 -13.17
N THR A 253 -10.29 9.63 -12.49
CA THR A 253 -10.41 8.33 -11.84
C THR A 253 -10.36 8.51 -10.33
N THR A 254 -11.41 8.06 -9.62
CA THR A 254 -11.45 8.15 -8.15
C THR A 254 -12.41 7.11 -7.56
N GLY A 255 -12.18 6.72 -6.30
CA GLY A 255 -12.90 5.66 -5.60
C GLY A 255 -12.74 4.33 -6.29
N ASP A 256 -11.66 4.22 -7.08
CA ASP A 256 -11.46 3.10 -7.98
C ASP A 256 -10.27 2.22 -7.68
N ILE A 257 -10.14 1.16 -8.48
CA ILE A 257 -9.08 0.15 -8.35
C ILE A 257 -8.41 -0.04 -9.70
N ILE A 258 -7.06 0.12 -9.74
CA ILE A 258 -6.27 -0.13 -10.94
C ILE A 258 -5.54 -1.40 -10.65
N TYR A 259 -5.62 -2.36 -11.58
CA TYR A 259 -5.00 -3.67 -11.41
C TYR A 259 -3.63 -3.73 -12.10
N ALA A 260 -2.57 -3.84 -11.29
CA ALA A 260 -1.19 -3.99 -11.76
C ALA A 260 -0.86 -5.46 -11.45
N ASP A 261 -1.51 -6.36 -12.19
CA ASP A 261 -1.44 -7.80 -11.92
C ASP A 261 -1.15 -8.66 -13.17
N GLY A 262 -0.63 -8.03 -14.23
CA GLY A 262 -0.33 -8.69 -15.50
C GLY A 262 -1.59 -9.06 -16.29
N GLY A 263 -2.73 -8.53 -15.86
CA GLY A 263 -4.03 -8.85 -16.45
C GLY A 263 -4.60 -10.19 -15.97
N ALA A 264 -3.97 -10.82 -14.96
CA ALA A 264 -4.41 -12.14 -14.46
C ALA A 264 -5.89 -12.19 -14.03
N HIS A 265 -6.40 -11.13 -13.42
CA HIS A 265 -7.81 -11.13 -12.95
C HIS A 265 -8.85 -11.07 -14.06
N THR A 266 -8.43 -10.85 -15.32
CA THR A 266 -9.35 -10.76 -16.48
C THR A 266 -9.44 -12.09 -17.21
N GLN A 267 -8.73 -13.12 -16.72
CA GLN A 267 -8.66 -14.40 -17.39
C GLN A 267 -9.00 -15.50 -16.41
N LEU A 268 -9.69 -16.54 -16.88
CA LEU A 268 -10.04 -17.61 -15.96
C LEU A 268 -8.94 -18.69 -15.96
N LEU A 269 -8.42 -18.98 -17.14
CA LEU A 269 -7.33 -19.93 -17.37
C LEU A 269 -6.50 -19.39 -18.55
PA NAD B . 5.70 -4.99 3.88
O1A NAD B . 7.01 -4.66 3.25
O2A NAD B . 5.76 -5.86 5.11
O5B NAD B . 4.87 -3.66 4.08
C5B NAD B . 3.84 -3.59 5.10
C4B NAD B . 4.11 -2.34 5.90
O4B NAD B . 3.04 -2.11 6.86
C3B NAD B . 5.42 -2.34 6.71
O3B NAD B . 6.22 -1.19 6.41
C2B NAD B . 4.93 -2.26 8.16
O2B NAD B . 5.82 -1.58 9.04
C1B NAD B . 3.65 -1.48 7.96
N9A NAD B . 2.75 -1.44 9.11
C8A NAD B . 2.33 -2.51 9.86
N7A NAD B . 1.70 -2.17 10.96
C5A NAD B . 1.71 -0.79 10.94
C6A NAD B . 1.23 0.19 11.83
N6A NAD B . 0.66 -0.11 13.01
N1A NAD B . 1.39 1.49 11.49
C2A NAD B . 1.98 1.79 10.34
N3A NAD B . 2.51 0.95 9.42
C4A NAD B . 2.34 -0.32 9.79
O3 NAD B . 4.82 -5.80 2.82
PN NAD B . 4.28 -5.30 1.38
O1N NAD B . 5.19 -4.29 0.78
O2N NAD B . 3.91 -6.51 0.61
O5D NAD B . 2.95 -4.55 1.80
C5D NAD B . 2.61 -3.20 1.38
C4D NAD B . 1.16 -3.14 0.98
O4D NAD B . 0.98 -3.86 -0.27
C3D NAD B . 0.18 -3.80 1.96
O3D NAD B . -1.05 -3.09 1.94
C2D NAD B . 0.00 -5.19 1.34
O2D NAD B . -1.17 -5.86 1.78
C1D NAD B . -0.09 -4.77 -0.14
N1N NAD B . 0.01 -5.86 -1.18
C2N NAD B . 1.00 -6.85 -1.03
C3N NAD B . 1.07 -7.90 -1.92
C7N NAD B . 2.19 -8.89 -1.90
O7N NAD B . 2.09 -9.93 -2.53
N7N NAD B . 3.28 -8.62 -1.11
C4N NAD B . 0.14 -7.94 -2.97
C5N NAD B . -0.80 -6.93 -3.13
C6N NAD B . -0.84 -5.88 -2.22
MG MG C . 22.66 6.34 0.25
OH2 1PE D . 21.64 6.54 -2.22
C12 1PE D . 21.84 5.38 -3.07
C22 1PE D . 23.05 4.56 -2.63
OH3 1PE D . 23.03 4.33 -1.21
C13 1PE D . 24.12 3.38 0.73
C23 1PE D . 24.11 3.51 -0.79
OH4 1PE D . 24.28 4.68 1.30
C14 1PE D . 24.24 6.15 3.21
C24 1PE D . 24.22 4.69 2.73
OH5 1PE D . 23.27 6.90 2.47
C15 1PE D . 21.73 8.77 2.33
C25 1PE D . 22.97 8.18 3.02
OH6 1PE D . 21.90 8.75 0.90
C16 1PE D . 21.11 9.62 -1.22
C26 1PE D . 20.75 9.25 0.21
OH7 1PE D . 21.46 11.01 -1.32
O1 A0C E . 3.71 -10.91 9.27
C9 A0C E . 2.51 -10.92 8.92
N3 A0C E . 1.61 -11.74 9.45
C8 A0C E . 2.02 -9.95 7.90
C7 A0C E . 2.85 -9.31 6.97
N2 A0C E . 0.77 -9.54 7.80
O A0C E . 0.78 -8.59 6.76
C6 A0C E . 2.05 -8.49 6.29
C5 A0C E . 2.35 -7.57 5.17
S A0C E . 0.93 -7.06 4.18
C4 A0C E . 0.71 -8.43 3.12
N A0C E . 1.52 -9.49 3.30
C3 A0C E . 1.31 -10.54 2.49
C10 A0C E . 2.23 -11.70 2.66
C2 A0C E . 0.31 -10.51 1.53
N1 A0C E . -0.32 -8.35 2.28
C1 A0C E . -0.48 -9.37 1.42
C A0C E . -1.59 -9.26 0.43
#